data_3U62
#
_entry.id   3U62
#
_cell.length_a   54.213
_cell.length_b   62.445
_cell.length_c   68.681
_cell.angle_alpha   90.00
_cell.angle_beta   90.00
_cell.angle_gamma   90.00
#
_symmetry.space_group_name_H-M   'P 21 21 21'
#
loop_
_entity.id
_entity.type
_entity.pdbx_description
1 polymer 'Shikimate dehydrogenase'
2 non-polymer 'SULFATE ION'
3 water water
#
_entity_poly.entity_id   1
_entity_poly.type   'polypeptide(L)'
_entity_poly.pdbx_seq_one_letter_code
;MKFCIIGYPVRHSISPRLYNEYFKRAGMNHSYGMEEIPPESFDTEIRRILEEYDGFNATIPHKERVMRYVEPSEDAQRIK
AVNCVFRGKGYNTDWVGVVKSLEGVEVKEPVVVVGAGGAARAVIYALLQMGVKDIWVVNRTIERAKALDFPVKIFSLDQL
DEVVKKAKSLFNTTSVGMKGEELPVSDDSLKNLSLVYDVIYFDTPLVVKARKLGVKHIIKGNLMFYYQAMENLKIWGIYD
EEVFKEVFGEVLK
;
_entity_poly.pdbx_strand_id   A
#
# COMPACT_ATOMS: atom_id res chain seq x y z
N MET A 1 -4.45 -4.36 24.63
CA MET A 1 -4.59 -3.19 23.72
C MET A 1 -5.60 -3.44 22.62
N LYS A 2 -6.21 -2.35 22.12
CA LYS A 2 -7.23 -2.43 21.08
C LYS A 2 -6.74 -1.76 19.79
N PHE A 3 -6.93 -2.47 18.67
CA PHE A 3 -6.56 -1.97 17.35
C PHE A 3 -7.72 -2.16 16.39
N CYS A 4 -7.67 -1.48 15.25
CA CYS A 4 -8.63 -1.70 14.18
C CYS A 4 -8.05 -1.22 12.85
N ILE A 5 -8.80 -1.42 11.78
CA ILE A 5 -8.49 -0.79 10.51
C ILE A 5 -9.65 0.17 10.17
N ILE A 6 -9.28 1.40 9.80
CA ILE A 6 -10.27 2.39 9.39
C ILE A 6 -10.13 2.67 7.90
N GLY A 7 -11.26 2.96 7.25
CA GLY A 7 -11.28 3.20 5.82
C GLY A 7 -12.69 3.19 5.26
N TYR A 8 -12.78 3.21 3.94
CA TYR A 8 -14.06 3.25 3.23
C TYR A 8 -13.83 2.89 1.76
N PRO A 9 -14.08 1.62 1.39
CA PRO A 9 -14.61 0.54 2.22
C PRO A 9 -13.54 -0.17 3.04
N VAL A 10 -13.97 -0.91 4.07
CA VAL A 10 -13.04 -1.68 4.90
C VAL A 10 -13.66 -2.97 5.47
N ARG A 11 -14.97 -3.14 5.28
CA ARG A 11 -15.68 -4.29 5.86
C ARG A 11 -15.17 -5.65 5.37
N HIS A 12 -14.57 -5.68 4.18
CA HIS A 12 -14.03 -6.92 3.62
C HIS A 12 -12.51 -7.04 3.79
N SER A 13 -11.98 -6.27 4.72
CA SER A 13 -10.56 -6.28 5.07
C SER A 13 -10.12 -7.66 5.57
N ILE A 14 -8.92 -8.07 5.15
CA ILE A 14 -8.33 -9.32 5.59
C ILE A 14 -7.58 -9.19 6.92
N SER A 15 -7.41 -7.94 7.37
CA SER A 15 -6.62 -7.66 8.57
C SER A 15 -7.19 -8.20 9.88
N PRO A 16 -8.49 -7.95 10.18
CA PRO A 16 -8.98 -8.42 11.49
C PRO A 16 -8.76 -9.91 11.76
N ARG A 17 -9.09 -10.78 10.80
CA ARG A 17 -8.92 -12.22 10.98
C ARG A 17 -7.46 -12.60 11.26
N LEU A 18 -6.54 -11.96 10.53
CA LEU A 18 -5.11 -12.27 10.64
C LEU A 18 -4.49 -11.79 11.95
N TYR A 19 -4.73 -10.53 12.30
CA TYR A 19 -4.20 -9.99 13.55
C TYR A 19 -4.79 -10.71 14.77
N ASN A 20 -6.10 -11.00 14.72
CA ASN A 20 -6.75 -11.71 15.82
C ASN A 20 -6.26 -13.14 15.99
N GLU A 21 -6.02 -13.83 14.87
CA GLU A 21 -5.43 -15.17 14.93
C GLU A 21 -4.01 -15.10 15.49
N TYR A 22 -3.27 -14.07 15.06
CA TYR A 22 -1.91 -13.84 15.53
C TYR A 22 -1.87 -13.59 17.05
N PHE A 23 -2.74 -12.71 17.54
CA PHE A 23 -2.81 -12.41 18.96
C PHE A 23 -3.14 -13.65 19.78
N LYS A 24 -4.10 -14.44 19.30
CA LYS A 24 -4.51 -15.67 19.98
C LYS A 24 -3.38 -16.70 20.03
N ARG A 25 -2.70 -16.89 18.91
CA ARG A 25 -1.59 -17.83 18.82
C ARG A 25 -0.41 -17.41 19.70
N ALA A 26 -0.22 -16.10 19.84
CA ALA A 26 0.86 -15.55 20.66
C ALA A 26 0.52 -15.49 22.16
N GLY A 27 -0.73 -15.78 22.50
CA GLY A 27 -1.19 -15.73 23.89
C GLY A 27 -1.40 -14.32 24.39
N MET A 28 -1.62 -13.39 23.47
CA MET A 28 -1.82 -11.98 23.78
C MET A 28 -3.30 -11.66 23.95
N ASN A 29 -3.58 -10.61 24.71
CA ASN A 29 -4.96 -10.20 24.97
C ASN A 29 -5.47 -9.11 24.03
N HIS A 30 -4.66 -8.76 23.03
CA HIS A 30 -5.00 -7.69 22.09
C HIS A 30 -6.11 -8.10 21.13
N SER A 31 -6.79 -7.09 20.58
CA SER A 31 -7.88 -7.29 19.64
C SER A 31 -7.74 -6.37 18.44
N TYR A 32 -8.29 -6.79 17.31
CA TYR A 32 -8.25 -6.01 16.08
C TYR A 32 -9.63 -5.98 15.43
N GLY A 33 -10.16 -4.77 15.25
CA GLY A 33 -11.49 -4.59 14.69
C GLY A 33 -11.50 -3.86 13.34
N MET A 34 -12.63 -3.23 13.05
CA MET A 34 -12.82 -2.51 11.79
C MET A 34 -13.84 -1.39 11.95
N GLU A 35 -13.56 -0.25 11.32
CA GLU A 35 -14.43 0.90 11.37
C GLU A 35 -14.56 1.49 9.97
N GLU A 36 -15.68 1.20 9.31
CA GLU A 36 -15.94 1.74 7.97
C GLU A 36 -16.56 3.12 8.08
N ILE A 37 -15.73 4.14 7.92
CA ILE A 37 -16.13 5.53 8.12
C ILE A 37 -16.18 6.26 6.80
N PRO A 38 -17.36 6.79 6.42
CA PRO A 38 -17.44 7.60 5.20
C PRO A 38 -16.69 8.92 5.37
N PRO A 39 -16.12 9.46 4.27
CA PRO A 39 -15.35 10.71 4.31
C PRO A 39 -16.11 11.87 4.97
N GLU A 40 -17.42 11.94 4.73
CA GLU A 40 -18.27 13.00 5.28
C GLU A 40 -18.44 12.92 6.80
N SER A 41 -18.18 11.75 7.37
CA SER A 41 -18.33 11.53 8.82
C SER A 41 -17.00 11.48 9.56
N PHE A 42 -15.89 11.58 8.82
CA PHE A 42 -14.56 11.36 9.38
C PHE A 42 -14.19 12.28 10.54
N ASP A 43 -14.37 13.59 10.35
CA ASP A 43 -13.92 14.59 11.34
C ASP A 43 -14.53 14.35 12.74
N THR A 44 -15.79 13.92 12.75
CA THR A 44 -16.47 13.61 14.00
C THR A 44 -16.11 12.21 14.52
N GLU A 45 -16.10 11.23 13.62
CA GLU A 45 -15.91 9.83 14.01
C GLU A 45 -14.47 9.42 14.35
N ILE A 46 -13.49 10.18 13.85
CA ILE A 46 -12.07 9.90 14.17
C ILE A 46 -11.73 10.20 15.63
N ARG A 47 -12.44 11.14 16.23
CA ARG A 47 -12.21 11.51 17.62
C ARG A 47 -12.58 10.37 18.56
N ARG A 48 -13.65 9.65 18.23
CA ARG A 48 -14.07 8.44 18.93
C ARG A 48 -13.02 7.34 18.81
N ILE A 49 -12.49 7.16 17.59
CA ILE A 49 -11.45 6.17 17.29
C ILE A 49 -10.20 6.41 18.12
N LEU A 50 -9.78 7.68 18.19
CA LEU A 50 -8.58 8.08 18.93
C LEU A 50 -8.70 7.81 20.43
N GLU A 51 -9.93 7.83 20.94
CA GLU A 51 -10.18 7.59 22.36
C GLU A 51 -10.36 6.10 22.68
N GLU A 52 -10.88 5.34 21.71
CA GLU A 52 -11.27 3.95 21.97
C GLU A 52 -10.20 2.91 21.63
N TYR A 53 -9.24 3.29 20.79
CA TYR A 53 -8.20 2.37 20.34
C TYR A 53 -6.82 2.87 20.73
N ASP A 54 -5.95 1.94 21.11
CA ASP A 54 -4.55 2.26 21.39
C ASP A 54 -3.81 2.62 20.10
N GLY A 55 -4.14 1.89 19.04
CA GLY A 55 -3.56 2.12 17.72
C GLY A 55 -4.50 1.62 16.65
N PHE A 56 -4.18 1.93 15.40
CA PHE A 56 -4.98 1.47 14.28
C PHE A 56 -4.27 1.64 12.95
N ASN A 57 -4.75 0.90 11.95
CA ASN A 57 -4.33 1.11 10.58
C ASN A 57 -5.35 1.97 9.85
N ALA A 58 -4.87 2.73 8.87
CA ALA A 58 -5.73 3.52 8.01
C ALA A 58 -5.49 3.10 6.57
N THR A 59 -6.57 2.90 5.84
CA THR A 59 -6.47 2.63 4.40
C THR A 59 -7.28 3.70 3.66
N ILE A 60 -7.48 3.50 2.36
CA ILE A 60 -8.26 4.45 1.55
C ILE A 60 -9.66 4.69 2.15
N PRO A 61 -10.14 5.94 2.11
CA PRO A 61 -9.49 7.14 1.60
C PRO A 61 -8.98 8.05 2.71
N HIS A 62 -8.40 7.47 3.75
CA HIS A 62 -8.13 8.20 4.99
C HIS A 62 -6.66 8.36 5.39
N LYS A 63 -5.74 7.84 4.59
CA LYS A 63 -4.32 7.88 4.95
C LYS A 63 -3.76 9.30 5.07
N GLU A 64 -4.08 10.14 4.10
CA GLU A 64 -3.71 11.56 4.16
C GLU A 64 -4.57 12.29 5.19
N ARG A 65 -5.86 11.96 5.21
CA ARG A 65 -6.85 12.64 6.05
C ARG A 65 -6.53 12.55 7.55
N VAL A 66 -6.05 11.39 7.99
CA VAL A 66 -5.80 11.13 9.42
C VAL A 66 -4.60 11.91 9.98
N MET A 67 -3.76 12.44 9.09
CA MET A 67 -2.54 13.15 9.48
C MET A 67 -2.79 14.35 10.37
N ARG A 68 -3.91 15.04 10.14
CA ARG A 68 -4.29 16.22 10.91
C ARG A 68 -4.55 15.88 12.38
N TYR A 69 -4.87 14.62 12.66
CA TYR A 69 -5.32 14.20 13.98
C TYR A 69 -4.26 13.49 14.81
N VAL A 70 -3.09 13.29 14.23
CA VAL A 70 -1.96 12.65 14.91
C VAL A 70 -0.67 13.44 14.67
N GLU A 71 0.42 13.00 15.31
CA GLU A 71 1.74 13.57 15.07
C GLU A 71 2.51 12.63 14.13
N PRO A 72 2.61 12.99 12.84
CA PRO A 72 3.25 12.09 11.88
C PRO A 72 4.77 12.08 11.98
N SER A 73 5.36 10.93 11.63
CA SER A 73 6.80 10.80 11.53
C SER A 73 7.31 11.55 10.30
N GLU A 74 8.62 11.77 10.25
CA GLU A 74 9.25 12.51 9.16
C GLU A 74 8.96 11.89 7.80
N ASP A 75 9.03 10.56 7.72
CA ASP A 75 8.76 9.85 6.46
C ASP A 75 7.27 9.89 6.10
N ALA A 76 6.39 9.80 7.09
CA ALA A 76 4.96 9.94 6.86
C ALA A 76 4.61 11.33 6.34
N GLN A 77 5.33 12.34 6.83
CA GLN A 77 5.19 13.72 6.34
C GLN A 77 5.62 13.85 4.88
N ARG A 78 6.75 13.24 4.53
CA ARG A 78 7.25 13.26 3.15
C ARG A 78 6.29 12.55 2.19
N ILE A 79 5.69 11.47 2.68
CA ILE A 79 4.77 10.68 1.88
C ILE A 79 3.37 11.30 1.86
N LYS A 80 3.08 12.15 2.84
CA LYS A 80 1.74 12.72 3.03
C LYS A 80 0.68 11.62 3.21
N ALA A 81 1.03 10.60 3.97
CA ALA A 81 0.11 9.49 4.26
C ALA A 81 0.51 8.76 5.54
N VAL A 82 -0.47 8.50 6.38
CA VAL A 82 -0.28 7.70 7.59
C VAL A 82 -1.18 6.47 7.51
N ASN A 83 -0.58 5.28 7.60
CA ASN A 83 -1.35 4.04 7.58
C ASN A 83 -1.27 3.27 8.90
N CYS A 84 -0.46 3.76 9.83
CA CYS A 84 -0.29 3.12 11.13
C CYS A 84 -0.20 4.17 12.23
N VAL A 85 -1.14 4.10 13.17
CA VAL A 85 -1.18 5.02 14.29
C VAL A 85 -0.96 4.26 15.59
N PHE A 86 -0.20 4.87 16.51
CA PHE A 86 -0.05 4.35 17.86
C PHE A 86 0.01 5.49 18.87
N ARG A 87 -1.03 5.57 19.70
CA ARG A 87 -1.11 6.53 20.80
C ARG A 87 -0.71 7.95 20.41
N GLY A 88 -1.40 8.48 19.40
CA GLY A 88 -1.24 9.86 18.98
C GLY A 88 -0.17 10.11 17.93
N LYS A 89 0.63 9.07 17.64
CA LYS A 89 1.71 9.19 16.66
C LYS A 89 1.35 8.48 15.37
N GLY A 90 1.68 9.10 14.24
CA GLY A 90 1.40 8.54 12.92
C GLY A 90 2.65 8.08 12.20
N TYR A 91 2.53 6.93 11.54
CA TYR A 91 3.65 6.32 10.82
C TYR A 91 3.23 5.86 9.44
N ASN A 92 4.20 5.64 8.57
CA ASN A 92 3.92 4.99 7.29
C ASN A 92 4.73 3.72 7.16
N THR A 93 4.03 2.59 7.12
CA THR A 93 4.66 1.28 7.00
C THR A 93 4.48 0.69 5.60
N ASP A 94 3.68 1.36 4.78
CA ASP A 94 3.47 0.94 3.39
C ASP A 94 4.76 0.94 2.59
N TRP A 95 5.56 2.00 2.71
CA TRP A 95 6.83 2.08 1.98
C TRP A 95 7.83 1.01 2.43
N VAL A 96 7.80 0.70 3.71
CA VAL A 96 8.60 -0.40 4.27
C VAL A 96 8.15 -1.72 3.66
N GLY A 97 6.84 -1.90 3.54
CA GLY A 97 6.26 -3.07 2.88
C GLY A 97 6.75 -3.23 1.45
N VAL A 98 6.85 -2.11 0.73
CA VAL A 98 7.31 -2.12 -0.67
C VAL A 98 8.80 -2.48 -0.77
N VAL A 99 9.64 -1.81 0.02
CA VAL A 99 11.08 -2.08 0.04
C VAL A 99 11.35 -3.55 0.35
N LYS A 100 10.75 -4.06 1.41
CA LYS A 100 10.97 -5.44 1.85
C LYS A 100 10.40 -6.47 0.87
N SER A 101 9.30 -6.13 0.19
CA SER A 101 8.71 -7.02 -0.82
C SER A 101 9.63 -7.20 -2.04
N LEU A 102 10.51 -6.23 -2.25
CA LEU A 102 11.43 -6.23 -3.39
C LEU A 102 12.85 -6.65 -3.01
N GLU A 103 13.01 -7.26 -1.83
CA GLU A 103 14.30 -7.78 -1.42
C GLU A 103 14.81 -8.83 -2.41
N GLY A 104 16.07 -8.71 -2.78
CA GLY A 104 16.70 -9.61 -3.73
C GLY A 104 16.44 -9.29 -5.19
N VAL A 105 15.61 -8.28 -5.43
CA VAL A 105 15.18 -7.92 -6.78
C VAL A 105 15.76 -6.58 -7.22
N GLU A 106 16.34 -6.55 -8.42
CA GLU A 106 16.78 -5.31 -9.04
C GLU A 106 15.59 -4.68 -9.76
N VAL A 107 15.23 -3.47 -9.35
CA VAL A 107 14.15 -2.73 -10.00
C VAL A 107 14.71 -1.97 -11.19
N LYS A 108 14.37 -2.43 -12.39
CA LYS A 108 14.86 -1.83 -13.62
C LYS A 108 14.06 -0.59 -14.01
N GLU A 109 14.74 0.39 -14.60
CA GLU A 109 14.17 1.68 -14.93
C GLU A 109 14.08 1.89 -16.44
N PRO A 110 13.18 2.78 -16.90
CA PRO A 110 12.24 3.63 -16.15
C PRO A 110 11.14 2.84 -15.44
N VAL A 111 10.61 3.44 -14.37
CA VAL A 111 9.54 2.84 -13.58
C VAL A 111 8.27 3.66 -13.72
N VAL A 112 7.18 3.00 -14.09
CA VAL A 112 5.87 3.64 -14.15
C VAL A 112 5.07 3.31 -12.89
N VAL A 113 4.54 4.35 -12.26
CA VAL A 113 3.68 4.20 -11.09
C VAL A 113 2.28 4.71 -11.46
N VAL A 114 1.29 3.81 -11.40
CA VAL A 114 -0.09 4.16 -11.72
C VAL A 114 -0.80 4.61 -10.45
N GLY A 115 -1.31 5.84 -10.47
CA GLY A 115 -1.95 6.44 -9.31
C GLY A 115 -1.08 7.50 -8.66
N ALA A 116 -1.72 8.37 -7.87
CA ALA A 116 -1.03 9.44 -7.14
C ALA A 116 -1.59 9.63 -5.73
N GLY A 117 -2.24 8.59 -5.22
CA GLY A 117 -2.76 8.59 -3.85
C GLY A 117 -1.70 8.25 -2.84
N GLY A 118 -2.12 7.97 -1.60
CA GLY A 118 -1.20 7.63 -0.51
C GLY A 118 -0.38 6.38 -0.79
N ALA A 119 -0.99 5.41 -1.46
CA ALA A 119 -0.29 4.18 -1.86
C ALA A 119 0.83 4.48 -2.85
N ALA A 120 0.52 5.32 -3.86
CA ALA A 120 1.50 5.73 -4.86
C ALA A 120 2.67 6.47 -4.23
N ARG A 121 2.37 7.40 -3.33
CA ARG A 121 3.40 8.20 -2.67
C ARG A 121 4.31 7.36 -1.80
N ALA A 122 3.76 6.30 -1.20
CA ALA A 122 4.55 5.32 -0.45
C ALA A 122 5.48 4.53 -1.37
N VAL A 123 4.95 4.12 -2.52
CA VAL A 123 5.73 3.39 -3.53
C VAL A 123 6.86 4.27 -4.08
N ILE A 124 6.56 5.52 -4.41
CA ILE A 124 7.56 6.46 -4.90
C ILE A 124 8.68 6.67 -3.87
N TYR A 125 8.29 6.88 -2.61
CA TYR A 125 9.25 7.03 -1.52
C TYR A 125 10.16 5.81 -1.43
N ALA A 126 9.55 4.62 -1.49
CA ALA A 126 10.30 3.36 -1.44
C ALA A 126 11.29 3.25 -2.59
N LEU A 127 10.84 3.57 -3.80
CA LEU A 127 11.68 3.52 -4.99
C LEU A 127 12.87 4.47 -4.89
N LEU A 128 12.62 5.68 -4.41
CA LEU A 128 13.68 6.67 -4.22
C LEU A 128 14.69 6.23 -3.15
N GLN A 129 14.21 5.54 -2.11
CA GLN A 129 15.08 4.97 -1.09
C GLN A 129 15.93 3.83 -1.63
N MET A 130 15.44 3.20 -2.70
CA MET A 130 16.15 2.10 -3.36
C MET A 130 17.05 2.59 -4.51
N GLY A 131 17.19 3.90 -4.63
CA GLY A 131 18.10 4.50 -5.62
C GLY A 131 17.54 4.57 -7.03
N VAL A 132 16.23 4.39 -7.17
CA VAL A 132 15.56 4.54 -8.46
C VAL A 132 15.47 6.02 -8.80
N LYS A 133 15.80 6.37 -10.04
CA LYS A 133 15.84 7.76 -10.47
C LYS A 133 14.72 8.15 -11.43
N ASP A 134 14.48 7.29 -12.41
CA ASP A 134 13.54 7.60 -13.50
C ASP A 134 12.15 7.05 -13.19
N ILE A 135 11.32 7.89 -12.57
CA ILE A 135 9.98 7.49 -12.15
C ILE A 135 8.92 8.31 -12.87
N TRP A 136 8.01 7.62 -13.54
CA TRP A 136 6.93 8.24 -14.29
C TRP A 136 5.59 7.89 -13.65
N VAL A 137 4.91 8.90 -13.12
CA VAL A 137 3.60 8.72 -12.52
C VAL A 137 2.52 8.91 -13.59
N VAL A 138 1.60 7.96 -13.64
CA VAL A 138 0.44 8.04 -14.53
C VAL A 138 -0.81 8.00 -13.65
N ASN A 139 -1.55 9.10 -13.60
CA ASN A 139 -2.71 9.16 -12.71
C ASN A 139 -3.97 9.79 -13.34
N ARG A 140 -5.05 9.80 -12.57
CA ARG A 140 -6.37 10.17 -13.08
C ARG A 140 -6.82 11.56 -12.67
N THR A 141 -6.55 11.95 -11.43
CA THR A 141 -7.11 13.19 -10.88
C THR A 141 -6.09 14.32 -10.77
N ILE A 142 -6.55 15.53 -11.09
CA ILE A 142 -5.70 16.73 -11.05
C ILE A 142 -5.25 17.03 -9.63
N GLU A 143 -6.17 16.91 -8.68
CA GLU A 143 -5.89 17.18 -7.28
C GLU A 143 -4.70 16.36 -6.76
N ARG A 144 -4.72 15.05 -7.02
CA ARG A 144 -3.66 14.16 -6.54
C ARG A 144 -2.31 14.39 -7.22
N ALA A 145 -2.35 14.78 -8.49
CA ALA A 145 -1.13 15.15 -9.21
C ALA A 145 -0.49 16.38 -8.59
N LYS A 146 -1.32 17.30 -8.11
CA LYS A 146 -0.83 18.54 -7.48
C LYS A 146 -0.32 18.33 -6.06
N ALA A 147 -0.66 17.20 -5.46
CA ALA A 147 -0.15 16.82 -4.14
C ALA A 147 1.22 16.15 -4.23
N LEU A 148 1.66 15.85 -5.46
CA LEU A 148 2.95 15.20 -5.68
C LEU A 148 4.08 16.21 -5.69
N ASP A 149 5.01 16.06 -4.74
CA ASP A 149 6.19 16.93 -4.66
C ASP A 149 7.48 16.19 -5.02
N PHE A 150 7.38 14.88 -5.22
CA PHE A 150 8.51 14.04 -5.55
C PHE A 150 9.10 14.36 -6.94
N PRO A 151 10.40 14.05 -7.14
CA PRO A 151 11.04 14.29 -8.44
C PRO A 151 10.63 13.24 -9.48
N VAL A 152 9.40 13.36 -9.96
CA VAL A 152 8.81 12.43 -10.92
C VAL A 152 8.29 13.18 -12.13
N LYS A 153 8.07 12.46 -13.22
CA LYS A 153 7.32 13.01 -14.35
C LYS A 153 5.87 12.54 -14.21
N ILE A 154 4.93 13.38 -14.64
CA ILE A 154 3.51 13.08 -14.45
C ILE A 154 2.76 13.07 -15.78
N PHE A 155 2.00 12.00 -16.00
CA PHE A 155 1.24 11.78 -17.22
C PHE A 155 -0.20 11.41 -16.89
N SER A 156 -1.10 11.62 -17.84
CA SER A 156 -2.51 11.23 -17.68
C SER A 156 -2.72 9.78 -18.12
N LEU A 157 -3.84 9.19 -17.70
CA LEU A 157 -4.10 7.76 -17.91
C LEU A 157 -4.20 7.35 -19.38
N ASP A 158 -4.58 8.29 -20.25
CA ASP A 158 -4.62 8.02 -21.69
C ASP A 158 -3.21 7.80 -22.27
N GLN A 159 -2.19 8.24 -21.53
CA GLN A 159 -0.80 8.09 -21.97
C GLN A 159 -0.16 6.81 -21.43
N LEU A 160 -0.89 6.07 -20.60
CA LEU A 160 -0.36 4.87 -19.93
C LEU A 160 0.26 3.87 -20.91
N ASP A 161 -0.49 3.54 -21.96
CA ASP A 161 -0.04 2.56 -22.94
C ASP A 161 1.29 2.95 -23.59
N GLU A 162 1.42 4.21 -24.00
CA GLU A 162 2.65 4.71 -24.62
C GLU A 162 3.83 4.74 -23.66
N VAL A 163 3.57 5.18 -22.43
CA VAL A 163 4.66 5.35 -21.45
C VAL A 163 5.20 4.01 -20.93
N VAL A 164 4.32 3.02 -20.78
CA VAL A 164 4.73 1.69 -20.33
C VAL A 164 5.63 1.01 -21.37
N LYS A 165 5.35 1.26 -22.65
CA LYS A 165 6.17 0.76 -23.75
C LYS A 165 7.65 1.16 -23.61
N LYS A 166 7.90 2.33 -23.03
CA LYS A 166 9.25 2.87 -22.85
C LYS A 166 9.86 2.56 -21.48
N ALA A 167 9.13 1.78 -20.68
CA ALA A 167 9.53 1.49 -19.30
C ALA A 167 9.97 0.04 -19.10
N LYS A 168 10.55 -0.24 -17.93
CA LYS A 168 10.99 -1.59 -17.58
C LYS A 168 10.26 -2.15 -16.36
N SER A 169 9.69 -1.28 -15.54
CA SER A 169 8.89 -1.71 -14.39
C SER A 169 7.57 -0.96 -14.31
N LEU A 170 6.53 -1.67 -13.88
CA LEU A 170 5.20 -1.09 -13.72
C LEU A 170 4.60 -1.41 -12.35
N PHE A 171 4.15 -0.37 -11.66
CA PHE A 171 3.47 -0.50 -10.38
C PHE A 171 2.05 0.01 -10.49
N ASN A 172 1.06 -0.83 -10.21
CA ASN A 172 -0.29 -0.34 -9.98
C ASN A 172 -0.50 -0.08 -8.51
N THR A 173 -0.89 1.16 -8.18
CA THR A 173 -1.14 1.53 -6.78
C THR A 173 -2.60 1.95 -6.57
N THR A 174 -3.40 1.87 -7.63
CA THR A 174 -4.81 2.25 -7.57
C THR A 174 -5.68 1.07 -7.18
N SER A 175 -6.98 1.31 -7.04
CA SER A 175 -7.96 0.27 -6.79
C SER A 175 -8.46 -0.39 -8.08
N VAL A 176 -7.96 0.07 -9.23
CA VAL A 176 -8.32 -0.52 -10.52
C VAL A 176 -7.80 -1.96 -10.59
N GLY A 177 -8.73 -2.91 -10.66
CA GLY A 177 -8.40 -4.33 -10.65
C GLY A 177 -9.06 -5.08 -9.51
N MET A 178 -9.48 -4.35 -8.48
CA MET A 178 -10.15 -4.94 -7.32
C MET A 178 -11.48 -5.59 -7.68
N LYS A 179 -12.19 -4.98 -8.63
CA LYS A 179 -13.47 -5.50 -9.10
C LYS A 179 -13.34 -6.08 -10.51
N GLY A 180 -12.12 -6.45 -10.87
CA GLY A 180 -11.83 -7.07 -12.17
C GLY A 180 -11.62 -6.11 -13.33
N GLU A 181 -11.40 -4.84 -13.02
CA GLU A 181 -11.18 -3.82 -14.06
C GLU A 181 -9.80 -3.92 -14.67
N GLU A 182 -9.69 -3.49 -15.93
CA GLU A 182 -8.43 -3.49 -16.66
C GLU A 182 -7.88 -2.07 -16.82
N LEU A 183 -6.56 -1.96 -16.77
CA LEU A 183 -5.89 -0.70 -17.07
C LEU A 183 -5.67 -0.57 -18.58
N PRO A 184 -5.71 0.67 -19.10
CA PRO A 184 -5.50 0.89 -20.55
C PRO A 184 -4.04 0.72 -20.96
N VAL A 185 -3.58 -0.53 -21.01
CA VAL A 185 -2.21 -0.86 -21.40
C VAL A 185 -2.21 -2.15 -22.22
N SER A 186 -1.48 -2.14 -23.33
CA SER A 186 -1.47 -3.24 -24.30
C SER A 186 -0.51 -4.35 -23.93
N ASP A 187 -0.71 -5.52 -24.54
CA ASP A 187 0.22 -6.65 -24.44
C ASP A 187 1.61 -6.24 -24.93
N ASP A 188 1.64 -5.51 -26.05
CA ASP A 188 2.89 -5.02 -26.63
C ASP A 188 3.70 -4.17 -25.65
N SER A 189 3.01 -3.32 -24.89
CA SER A 189 3.66 -2.45 -23.90
C SER A 189 4.09 -3.23 -22.65
N LEU A 190 3.30 -4.21 -22.26
CA LEU A 190 3.59 -5.01 -21.07
C LEU A 190 4.68 -6.06 -21.27
N LYS A 191 4.74 -6.63 -22.47
CA LYS A 191 5.51 -7.86 -22.71
C LYS A 191 6.99 -7.81 -22.32
N ASN A 192 7.62 -6.66 -22.51
CA ASN A 192 9.05 -6.52 -22.26
C ASN A 192 9.41 -5.86 -20.94
N LEU A 193 8.40 -5.65 -20.08
CA LEU A 193 8.66 -5.23 -18.71
C LEU A 193 9.39 -6.35 -17.98
N SER A 194 10.24 -5.97 -17.03
CA SER A 194 10.92 -6.95 -16.18
C SER A 194 10.19 -7.11 -14.84
N LEU A 195 9.36 -6.13 -14.48
CA LEU A 195 8.58 -6.18 -13.26
C LEU A 195 7.17 -5.63 -13.44
N VAL A 196 6.19 -6.43 -13.04
CA VAL A 196 4.81 -5.96 -12.90
C VAL A 196 4.42 -6.13 -11.43
N TYR A 197 4.11 -5.02 -10.78
CA TYR A 197 3.84 -4.98 -9.35
C TYR A 197 2.45 -4.39 -9.14
N ASP A 198 1.62 -5.11 -8.39
CA ASP A 198 0.28 -4.64 -8.09
C ASP A 198 0.09 -4.63 -6.58
N VAL A 199 -0.32 -3.49 -6.03
CA VAL A 199 -0.53 -3.36 -4.59
C VAL A 199 -1.78 -4.13 -4.14
N ILE A 200 -2.64 -4.47 -5.09
CA ILE A 200 -3.85 -5.26 -4.81
C ILE A 200 -3.44 -6.67 -4.41
N TYR A 201 -4.04 -7.13 -3.32
CA TYR A 201 -3.68 -8.35 -2.62
C TYR A 201 -3.87 -9.62 -3.45
N PHE A 202 -4.93 -9.64 -4.27
CA PHE A 202 -5.32 -10.82 -5.03
C PHE A 202 -5.07 -10.63 -6.53
N ASP A 203 -5.22 -11.72 -7.30
CA ASP A 203 -5.04 -11.68 -8.75
C ASP A 203 -5.92 -10.63 -9.41
N THR A 204 -5.27 -9.77 -10.20
CA THR A 204 -5.96 -8.77 -11.01
C THR A 204 -5.75 -9.11 -12.48
N PRO A 205 -6.57 -8.54 -13.37
CA PRO A 205 -6.32 -8.70 -14.80
C PRO A 205 -4.89 -8.35 -15.21
N LEU A 206 -4.33 -7.30 -14.61
CA LEU A 206 -2.94 -6.90 -14.88
C LEU A 206 -1.93 -8.01 -14.55
N VAL A 207 -2.08 -8.60 -13.36
CA VAL A 207 -1.21 -9.68 -12.91
C VAL A 207 -1.35 -10.91 -13.81
N VAL A 208 -2.60 -11.28 -14.12
CA VAL A 208 -2.89 -12.42 -14.98
C VAL A 208 -2.32 -12.22 -16.39
N LYS A 209 -2.45 -11.01 -16.92
CA LYS A 209 -1.89 -10.67 -18.24
C LYS A 209 -0.37 -10.76 -18.23
N ALA A 210 0.25 -10.24 -17.19
CA ALA A 210 1.71 -10.27 -17.04
C ALA A 210 2.24 -11.70 -17.04
N ARG A 211 1.50 -12.60 -16.40
CA ARG A 211 1.86 -14.03 -16.38
C ARG A 211 1.76 -14.66 -17.76
N LYS A 212 0.70 -14.33 -18.48
CA LYS A 212 0.51 -14.80 -19.86
C LYS A 212 1.67 -14.39 -20.76
N LEU A 213 2.25 -13.22 -20.49
CA LEU A 213 3.31 -12.66 -21.33
C LEU A 213 4.73 -13.01 -20.86
N GLY A 214 4.83 -13.66 -19.70
CA GLY A 214 6.11 -14.14 -19.19
C GLY A 214 7.02 -13.08 -18.59
N VAL A 215 6.42 -12.05 -18.00
CA VAL A 215 7.17 -11.01 -17.30
C VAL A 215 7.97 -11.65 -16.16
N LYS A 216 9.27 -11.32 -16.10
CA LYS A 216 10.20 -11.94 -15.15
C LYS A 216 9.67 -11.97 -13.72
N HIS A 217 9.41 -10.79 -13.15
CA HIS A 217 8.86 -10.70 -11.80
C HIS A 217 7.46 -10.12 -11.82
N ILE A 218 6.52 -10.89 -11.27
CA ILE A 218 5.14 -10.47 -11.13
C ILE A 218 4.77 -10.57 -9.66
N ILE A 219 4.66 -9.43 -9.01
CA ILE A 219 4.46 -9.38 -7.56
C ILE A 219 3.12 -8.72 -7.22
N LYS A 220 2.25 -9.48 -6.56
CA LYS A 220 0.98 -8.96 -6.06
C LYS A 220 1.17 -8.30 -4.69
N GLY A 221 0.09 -7.77 -4.13
CA GLY A 221 0.16 -6.99 -2.90
C GLY A 221 0.35 -7.78 -1.61
N ASN A 222 0.43 -9.11 -1.72
CA ASN A 222 0.54 -9.97 -0.53
C ASN A 222 1.85 -9.80 0.26
N LEU A 223 2.97 -9.64 -0.45
CA LEU A 223 4.26 -9.41 0.20
C LEU A 223 4.31 -8.06 0.90
N MET A 224 3.81 -7.02 0.21
CA MET A 224 3.71 -5.67 0.78
C MET A 224 2.85 -5.69 2.04
N PHE A 225 1.73 -6.40 1.99
CA PHE A 225 0.83 -6.55 3.14
C PHE A 225 1.54 -7.23 4.31
N TYR A 226 2.22 -8.33 4.00
CA TYR A 226 2.99 -9.12 4.98
C TYR A 226 3.99 -8.25 5.73
N TYR A 227 4.79 -7.49 4.98
CA TYR A 227 5.86 -6.70 5.58
C TYR A 227 5.40 -5.42 6.26
N GLN A 228 4.31 -4.81 5.78
CA GLN A 228 3.74 -3.65 6.49
C GLN A 228 3.13 -4.09 7.82
N ALA A 229 2.51 -5.27 7.84
CA ALA A 229 1.95 -5.85 9.07
C ALA A 229 3.04 -6.12 10.09
N MET A 230 4.18 -6.64 9.63
CA MET A 230 5.34 -6.87 10.46
C MET A 230 5.81 -5.57 11.12
N GLU A 231 5.92 -4.51 10.31
CA GLU A 231 6.35 -3.20 10.80
C GLU A 231 5.34 -2.60 11.78
N ASN A 232 4.04 -2.76 11.49
CA ASN A 232 2.98 -2.32 12.38
C ASN A 232 3.14 -2.91 13.78
N LEU A 233 3.35 -4.22 13.82
CA LEU A 233 3.48 -4.95 15.08
C LEU A 233 4.74 -4.55 15.85
N LYS A 234 5.80 -4.23 15.13
CA LYS A 234 7.04 -3.72 15.75
C LYS A 234 6.80 -2.35 16.39
N ILE A 235 6.10 -1.47 15.67
CA ILE A 235 5.75 -0.15 16.17
C ILE A 235 4.86 -0.27 17.42
N TRP A 236 3.91 -1.20 17.39
CA TRP A 236 3.00 -1.43 18.50
C TRP A 236 3.63 -2.17 19.67
N GLY A 237 4.87 -2.63 19.50
CA GLY A 237 5.64 -3.31 20.54
C GLY A 237 5.14 -4.70 20.86
N ILE A 238 4.52 -5.35 19.86
CA ILE A 238 3.88 -6.66 20.06
C ILE A 238 4.26 -7.66 18.96
N TYR A 239 5.50 -7.55 18.48
CA TYR A 239 5.98 -8.42 17.42
C TYR A 239 6.67 -9.67 17.95
N ASP A 240 6.13 -10.82 17.55
CA ASP A 240 6.68 -12.13 17.86
C ASP A 240 7.01 -12.77 16.52
N GLU A 241 8.29 -12.88 16.21
CA GLU A 241 8.75 -13.30 14.88
C GLU A 241 8.22 -14.68 14.44
N GLU A 242 8.31 -15.65 15.34
CA GLU A 242 7.89 -17.02 15.02
C GLU A 242 6.39 -17.14 14.80
N VAL A 243 5.62 -16.51 15.69
CA VAL A 243 4.16 -16.51 15.58
C VAL A 243 3.72 -15.74 14.33
N PHE A 244 4.40 -14.64 14.04
CA PHE A 244 4.10 -13.86 12.85
C PHE A 244 4.27 -14.67 11.57
N LYS A 245 5.40 -15.35 11.45
CA LYS A 245 5.69 -16.19 10.29
C LYS A 245 4.67 -17.32 10.13
N GLU A 246 4.26 -17.90 11.26
CA GLU A 246 3.27 -18.98 11.24
C GLU A 246 1.90 -18.49 10.77
N VAL A 247 1.43 -17.39 11.35
CA VAL A 247 0.09 -16.89 11.08
C VAL A 247 0.00 -16.07 9.79
N PHE A 248 0.84 -15.04 9.69
CA PHE A 248 0.82 -14.16 8.52
C PHE A 248 1.45 -14.78 7.27
N GLY A 249 2.25 -15.82 7.46
CA GLY A 249 2.85 -16.54 6.34
C GLY A 249 1.83 -17.16 5.38
N GLU A 250 0.58 -17.28 5.86
CA GLU A 250 -0.50 -17.84 5.06
C GLU A 250 -0.89 -16.95 3.86
N VAL A 251 -0.60 -15.65 3.96
CA VAL A 251 -0.88 -14.72 2.85
C VAL A 251 0.11 -14.92 1.70
N LEU A 252 1.21 -15.63 1.96
CA LEU A 252 2.28 -15.78 0.99
C LEU A 252 2.13 -17.01 0.10
N LYS A 253 1.21 -17.90 0.46
CA LYS A 253 1.01 -19.11 -0.34
C LYS A 253 -0.41 -19.19 -0.90
#